data_8SUT
#
_entry.id   8SUT
#
_cell.length_a   53.686
_cell.length_b   93.983
_cell.length_c   124.981
_cell.angle_alpha   90.00
_cell.angle_beta   90.00
_cell.angle_gamma   90.00
#
_symmetry.space_group_name_H-M   'P 21 21 21'
#
loop_
_entity.id
_entity.type
_entity.pdbx_description
1 polymer 'Fumarylacetoacetate hydrolase family protein'
2 non-polymer '(2~{R})-2-oxidanyl-4-oxidanylidene-pentanedioic acid'
3 non-polymer 'MANGANESE (II) ION'
4 water water
#
_entity_poly.entity_id   1
_entity_poly.type   'polypeptide(L)'
_entity_poly.pdbx_seq_one_letter_code
;MASMKFATGELYNRMFVGLIIDDEKIMDLQKAEKKLFELETIPGSLIECIAEGDKFVAHARQLAEWAKKPNDELGSFMYS
LSEVKLHAPIPKPSKNIICIGKNYRDHAIEMGSEADIPEHPMVFTKSPVTVTGHGDIVKSHEEVTSQLDYEGELAVVIGK
SGTRISKEDAYDHVFGYTIVNDITARDLQKRHKQFFIGKSLDTTCPMGPVLVHKSSIQEPERLKVETRVNGELRQSGSAS
DMIFSIPELIETLSKGMTLEAGDIIATGTPSGVGKGFTPPKFLRSGDKIDITIDPIGTLSNQIGLEHHHHHH
;
_entity_poly.pdbx_strand_id   A,B
#
# COMPACT_ATOMS: atom_id res chain seq x y z
N SER A 3 7.36 17.78 24.82
CA SER A 3 7.02 17.36 23.46
C SER A 3 7.40 15.90 23.25
N MET A 4 6.44 15.09 22.77
CA MET A 4 6.64 13.66 22.57
C MET A 4 6.96 13.38 21.11
N LYS A 5 8.26 13.24 20.81
CA LYS A 5 8.77 13.03 19.48
C LYS A 5 9.37 11.63 19.34
N PHE A 6 8.73 10.80 18.53
CA PHE A 6 9.14 9.42 18.37
C PHE A 6 9.94 9.28 17.08
N ALA A 7 10.82 8.29 17.07
CA ALA A 7 11.73 8.08 15.95
C ALA A 7 12.04 6.60 15.85
N THR A 8 12.43 6.19 14.65
CA THR A 8 13.05 4.91 14.42
C THR A 8 14.52 5.18 14.13
N GLY A 9 15.40 4.79 15.06
CA GLY A 9 16.83 5.01 14.93
C GLY A 9 17.58 3.71 14.64
N GLU A 10 18.85 3.87 14.23
CA GLU A 10 19.75 2.74 14.07
C GLU A 10 21.11 3.18 14.61
N LEU A 11 21.70 2.28 15.39
CA LEU A 11 22.98 2.51 16.06
C LEU A 11 23.62 1.14 16.22
N TYR A 12 24.85 1.00 15.73
CA TYR A 12 25.60 -0.25 15.75
C TYR A 12 24.73 -1.44 15.35
N ASN A 13 24.00 -1.25 14.24
CA ASN A 13 23.22 -2.29 13.60
C ASN A 13 22.00 -2.79 14.39
N ARG A 14 21.61 -2.05 15.43
CA ARG A 14 20.32 -2.24 16.08
C ARG A 14 19.37 -1.11 15.67
N MET A 15 18.22 -1.52 15.13
CA MET A 15 17.10 -0.65 14.80
C MET A 15 16.23 -0.58 16.04
N PHE A 16 15.79 0.62 16.44
CA PHE A 16 15.01 0.73 17.65
C PHE A 16 14.01 1.89 17.59
N VAL A 17 12.93 1.73 18.35
CA VAL A 17 11.97 2.79 18.57
C VAL A 17 12.55 3.70 19.65
N GLY A 18 12.54 5.00 19.35
CA GLY A 18 13.23 5.96 20.19
C GLY A 18 12.33 7.13 20.53
N LEU A 19 12.64 7.80 21.64
CA LEU A 19 12.02 9.06 22.02
C LEU A 19 13.12 10.13 22.08
N ILE A 20 12.89 11.26 21.40
CA ILE A 20 13.83 12.38 21.44
C ILE A 20 13.76 13.06 22.81
N ILE A 21 14.93 13.32 23.42
CA ILE A 21 15.01 14.06 24.66
C ILE A 21 15.81 15.34 24.42
N ASP A 22 15.17 16.51 24.63
CA ASP A 22 15.80 17.82 24.49
C ASP A 22 16.51 18.06 23.15
N ASP A 23 15.98 17.47 22.08
CA ASP A 23 16.53 17.57 20.73
C ASP A 23 18.03 17.33 20.55
N GLU A 24 18.66 16.63 21.49
CA GLU A 24 20.08 16.30 21.40
C GLU A 24 20.37 14.82 21.70
N LYS A 25 19.44 14.16 22.38
CA LYS A 25 19.59 12.77 22.81
C LYS A 25 18.37 12.01 22.32
N ILE A 26 18.52 10.69 22.18
CA ILE A 26 17.39 9.84 21.88
C ILE A 26 17.48 8.65 22.83
N MET A 27 16.32 8.31 23.39
CA MET A 27 16.21 7.20 24.32
C MET A 27 15.74 5.97 23.56
N ASP A 28 16.47 4.86 23.73
CA ASP A 28 16.01 3.55 23.29
C ASP A 28 14.96 3.03 24.26
N LEU A 29 13.69 3.08 23.83
CA LEU A 29 12.57 2.88 24.74
C LEU A 29 12.52 1.47 25.31
N GLN A 30 12.82 0.45 24.50
CA GLN A 30 12.80 -0.92 25.00
C GLN A 30 13.87 -1.13 26.05
N LYS A 31 15.09 -0.64 25.80
CA LYS A 31 16.17 -0.83 26.75
C LYS A 31 15.94 0.01 28.00
N ALA A 32 15.36 1.21 27.83
CA ALA A 32 15.04 2.04 28.97
C ALA A 32 13.97 1.38 29.86
N GLU A 33 12.96 0.78 29.24
CA GLU A 33 11.91 0.15 30.02
C GLU A 33 12.46 -0.99 30.89
N LYS A 34 13.30 -1.83 30.28
CA LYS A 34 13.96 -2.93 30.98
C LYS A 34 14.77 -2.44 32.20
N LYS A 35 15.54 -1.37 32.02
CA LYS A 35 16.44 -0.91 33.07
C LYS A 35 15.71 -0.15 34.17
N LEU A 36 14.76 0.70 33.78
CA LEU A 36 14.10 1.57 34.72
C LEU A 36 12.89 0.92 35.38
N PHE A 37 12.12 0.13 34.63
CA PHE A 37 10.89 -0.45 35.15
C PHE A 37 10.95 -1.96 35.30
N GLU A 38 12.05 -2.58 34.83
CA GLU A 38 12.20 -4.03 34.84
C GLU A 38 10.95 -4.66 34.20
N LEU A 39 10.50 -4.04 33.10
CA LEU A 39 9.45 -4.63 32.27
C LEU A 39 9.98 -4.78 30.84
N GLU A 40 9.34 -5.67 30.06
CA GLU A 40 9.56 -5.76 28.62
C GLU A 40 8.22 -5.85 27.92
N THR A 41 7.61 -4.70 27.59
CA THR A 41 6.32 -4.67 26.92
C THR A 41 6.29 -3.81 25.67
N ILE A 42 7.32 -2.96 25.46
CA ILE A 42 7.31 -2.05 24.33
C ILE A 42 7.61 -2.85 23.06
N PRO A 43 6.73 -2.79 22.02
CA PRO A 43 6.99 -3.47 20.76
C PRO A 43 8.20 -2.89 20.02
N GLY A 44 8.71 -3.67 19.06
CA GLY A 44 9.97 -3.39 18.39
C GLY A 44 9.85 -2.52 17.14
N SER A 45 8.62 -2.08 16.82
CA SER A 45 8.44 -1.14 15.73
C SER A 45 7.46 -0.05 16.15
N LEU A 46 7.65 1.13 15.57
CA LEU A 46 6.84 2.28 15.95
C LEU A 46 5.39 2.06 15.52
N ILE A 47 5.15 1.38 14.39
CA ILE A 47 3.78 1.15 13.95
C ILE A 47 3.00 0.30 14.95
N GLU A 48 3.67 -0.68 15.59
CA GLU A 48 3.06 -1.44 16.67
C GLU A 48 2.83 -0.59 17.92
N CYS A 49 3.76 0.33 18.20
CA CYS A 49 3.57 1.23 19.32
C CYS A 49 2.39 2.17 19.10
N ILE A 50 2.25 2.69 17.88
CA ILE A 50 1.13 3.54 17.50
C ILE A 50 -0.23 2.86 17.74
N ALA A 51 -0.32 1.55 17.48
CA ALA A 51 -1.58 0.83 17.70
C ALA A 51 -1.97 0.75 19.18
N GLU A 52 -1.00 0.89 20.08
CA GLU A 52 -1.29 0.91 21.51
C GLU A 52 -1.86 2.23 22.02
N GLY A 53 -1.69 3.31 21.26
CA GLY A 53 -2.38 4.56 21.52
C GLY A 53 -1.82 5.36 22.68
N ASP A 54 -2.71 6.06 23.38
CA ASP A 54 -2.36 6.93 24.48
C ASP A 54 -1.61 6.19 25.59
N LYS A 55 -1.89 4.91 25.83
CA LYS A 55 -1.17 4.23 26.90
C LYS A 55 0.32 4.03 26.60
N PHE A 56 0.69 3.80 25.34
CA PHE A 56 2.09 3.74 24.95
C PHE A 56 2.76 5.11 25.18
N VAL A 57 2.07 6.18 24.78
CA VAL A 57 2.63 7.52 24.87
C VAL A 57 2.83 7.92 26.33
N ALA A 58 1.88 7.57 27.21
CA ALA A 58 2.01 7.87 28.63
C ALA A 58 3.11 7.02 29.26
N HIS A 59 3.27 5.77 28.81
CA HIS A 59 4.36 4.93 29.26
C HIS A 59 5.71 5.54 28.85
N ALA A 60 5.81 5.99 27.59
CA ALA A 60 7.04 6.61 27.12
C ALA A 60 7.37 7.89 27.90
N ARG A 61 6.37 8.73 28.13
CA ARG A 61 6.53 9.93 28.95
C ARG A 61 7.06 9.58 30.35
N GLN A 62 6.47 8.55 30.98
CA GLN A 62 6.91 8.12 32.30
C GLN A 62 8.38 7.68 32.27
N LEU A 63 8.79 6.93 31.23
CA LEU A 63 10.17 6.48 31.11
C LEU A 63 11.16 7.64 30.99
N ALA A 64 10.77 8.66 30.22
CA ALA A 64 11.59 9.86 30.07
C ALA A 64 11.72 10.61 31.39
N GLU A 65 10.65 10.70 32.18
CA GLU A 65 10.71 11.32 33.50
C GLU A 65 11.64 10.54 34.43
N TRP A 66 11.54 9.21 34.44
CA TRP A 66 12.39 8.39 35.26
C TRP A 66 13.87 8.49 34.86
N ALA A 67 14.12 8.61 33.56
CA ALA A 67 15.49 8.74 33.05
C ALA A 67 16.22 10.01 33.50
N LYS A 68 15.48 11.02 33.95
CA LYS A 68 16.06 12.23 34.48
C LYS A 68 16.55 12.10 35.94
N LYS A 69 16.07 11.08 36.64
CA LYS A 69 16.52 10.80 37.99
C LYS A 69 17.95 10.24 37.95
N PRO A 70 18.82 10.56 38.93
CA PRO A 70 20.20 10.08 38.87
C PRO A 70 20.25 8.56 38.70
N ASN A 71 21.04 8.08 37.75
CA ASN A 71 21.34 6.67 37.67
C ASN A 71 22.59 6.46 36.81
N ASP A 72 23.22 5.31 36.99
CA ASP A 72 24.59 5.09 36.53
C ASP A 72 24.67 4.32 35.21
N GLU A 73 23.53 3.93 34.64
CA GLU A 73 23.54 3.20 33.38
C GLU A 73 22.78 3.90 32.25
N LEU A 74 22.68 5.24 32.32
CA LEU A 74 22.10 6.03 31.24
C LEU A 74 22.64 5.68 29.86
N GLY A 75 23.94 5.43 29.75
CA GLY A 75 24.58 5.17 28.48
C GLY A 75 24.21 3.85 27.82
N SER A 76 23.55 2.94 28.55
CA SER A 76 22.99 1.75 27.93
C SER A 76 21.72 2.02 27.12
N PHE A 77 21.06 3.18 27.29
CA PHE A 77 19.80 3.43 26.60
C PHE A 77 19.54 4.86 26.13
N MET A 78 20.47 5.78 26.40
CA MET A 78 20.29 7.19 26.09
C MET A 78 21.49 7.62 25.23
N TYR A 79 21.24 7.90 23.95
CA TYR A 79 22.30 8.04 22.96
C TYR A 79 22.29 9.46 22.42
N SER A 80 23.46 9.98 22.06
CA SER A 80 23.52 11.31 21.45
C SER A 80 23.06 11.18 20.00
N LEU A 81 22.21 12.14 19.57
CA LEU A 81 21.61 12.10 18.25
C LEU A 81 22.64 12.06 17.12
N SER A 82 23.81 12.67 17.36
CA SER A 82 24.88 12.68 16.39
C SER A 82 25.42 11.28 16.04
N GLU A 83 25.26 10.33 16.96
CA GLU A 83 25.69 8.95 16.73
C GLU A 83 24.63 8.07 16.06
N VAL A 84 23.40 8.58 15.93
CA VAL A 84 22.28 7.74 15.56
C VAL A 84 21.81 8.12 14.17
N LYS A 85 21.68 7.12 13.30
CA LYS A 85 21.00 7.26 12.02
C LYS A 85 19.49 7.20 12.22
N LEU A 86 18.77 8.24 11.76
CA LEU A 86 17.33 8.26 11.82
C LEU A 86 16.75 7.74 10.51
N HIS A 87 15.88 6.73 10.61
CA HIS A 87 15.11 6.25 9.47
C HIS A 87 13.80 7.01 9.42
N ALA A 88 12.98 6.71 8.40
CA ALA A 88 11.60 7.15 8.47
C ALA A 88 11.01 6.63 9.77
N PRO A 89 10.16 7.43 10.46
CA PRO A 89 9.55 6.98 11.70
C PRO A 89 8.84 5.63 11.54
N ILE A 90 8.21 5.46 10.38
CA ILE A 90 7.63 4.20 9.94
C ILE A 90 8.36 3.76 8.69
N PRO A 91 9.43 2.93 8.83
CA PRO A 91 10.27 2.57 7.68
C PRO A 91 9.52 1.74 6.65
N LYS A 92 8.52 0.97 7.12
CA LYS A 92 7.76 0.10 6.25
C LYS A 92 6.28 0.26 6.56
N PRO A 93 5.60 1.26 5.96
CA PRO A 93 4.15 1.37 6.11
C PRO A 93 3.51 0.08 5.60
N SER A 94 2.34 -0.26 6.16
CA SER A 94 1.61 -1.46 5.76
C SER A 94 0.80 -1.26 4.47
N LYS A 95 0.66 -0.01 4.03
CA LYS A 95 0.00 0.27 2.78
C LYS A 95 0.64 1.50 2.16
N ASN A 96 0.24 1.82 0.93
CA ASN A 96 0.78 2.98 0.25
C ASN A 96 0.44 4.24 1.06
N ILE A 97 1.36 5.21 1.02
CA ILE A 97 1.12 6.55 1.52
C ILE A 97 -0.04 7.18 0.76
N ILE A 98 -1.01 7.71 1.50
CA ILE A 98 -2.14 8.39 0.90
C ILE A 98 -1.81 9.87 0.70
N CYS A 99 -1.86 10.31 -0.56
CA CYS A 99 -1.44 11.66 -0.93
C CYS A 99 -2.60 12.47 -1.47
N ILE A 100 -2.68 13.73 -1.02
CA ILE A 100 -3.65 14.69 -1.52
C ILE A 100 -2.95 15.56 -2.56
N GLY A 101 -3.60 15.70 -3.72
CA GLY A 101 -3.17 16.64 -4.74
C GLY A 101 -3.88 17.98 -4.66
N LYS A 102 -3.15 19.06 -4.93
CA LYS A 102 -3.73 20.39 -5.06
C LYS A 102 -4.63 20.75 -3.89
N ASN A 103 -4.02 20.84 -2.69
CA ASN A 103 -4.75 21.20 -1.49
C ASN A 103 -4.38 22.59 -0.99
N TYR A 104 -3.55 23.31 -1.77
CA TYR A 104 -3.26 24.72 -1.54
C TYR A 104 -3.61 25.46 -2.84
N ARG A 105 -4.38 26.55 -2.72
CA ARG A 105 -4.85 27.30 -3.88
C ARG A 105 -3.75 27.65 -4.88
N ASP A 106 -2.66 28.24 -4.37
CA ASP A 106 -1.59 28.73 -5.23
C ASP A 106 -0.73 27.62 -5.85
N HIS A 107 -0.74 26.41 -5.26
CA HIS A 107 -0.12 25.25 -5.90
C HIS A 107 -0.92 24.83 -7.13
N ALA A 108 -2.26 24.75 -6.97
CA ALA A 108 -3.18 24.43 -8.04
C ALA A 108 -3.05 25.41 -9.23
N ILE A 109 -2.91 26.70 -8.89
CA ILE A 109 -2.80 27.77 -9.88
C ILE A 109 -1.48 27.68 -10.66
N GLU A 110 -0.35 27.50 -9.96
CA GLU A 110 0.95 27.39 -10.60
C GLU A 110 1.10 26.14 -11.47
N MET A 111 0.24 25.14 -11.29
CA MET A 111 0.27 23.91 -12.09
C MET A 111 -0.72 23.97 -13.27
N GLY A 112 -1.40 25.11 -13.44
CA GLY A 112 -2.41 25.27 -14.47
C GLY A 112 -3.14 26.61 -14.35
N SER A 113 -4.40 26.59 -13.90
CA SER A 113 -5.17 27.81 -13.66
C SER A 113 -6.12 27.66 -12.47
N GLU A 114 -6.93 28.70 -12.24
CA GLU A 114 -7.87 28.74 -11.13
C GLU A 114 -8.99 27.68 -11.20
N ALA A 115 -9.31 27.24 -12.42
CA ALA A 115 -10.34 26.23 -12.63
C ALA A 115 -9.87 24.80 -12.33
N ASP A 116 -8.57 24.65 -12.06
CA ASP A 116 -7.99 23.39 -11.58
C ASP A 116 -8.14 23.19 -10.07
N ILE A 117 -8.67 24.20 -9.37
CA ILE A 117 -8.93 24.11 -7.93
C ILE A 117 -10.06 23.09 -7.67
N PRO A 118 -9.80 22.00 -6.92
CA PRO A 118 -10.81 20.97 -6.69
C PRO A 118 -11.95 21.38 -5.77
N GLU A 119 -13.14 20.85 -6.05
CA GLU A 119 -14.29 20.93 -5.15
C GLU A 119 -14.33 19.69 -4.28
N HIS A 120 -13.67 18.61 -4.74
CA HIS A 120 -13.47 17.40 -3.97
C HIS A 120 -11.99 17.04 -3.96
N PRO A 121 -11.45 16.45 -2.87
CA PRO A 121 -10.04 16.08 -2.81
C PRO A 121 -9.61 15.09 -3.89
N MET A 122 -8.43 15.32 -4.45
CA MET A 122 -7.84 14.42 -5.42
C MET A 122 -6.87 13.57 -4.63
N VAL A 123 -7.12 12.26 -4.58
CA VAL A 123 -6.36 11.36 -3.73
C VAL A 123 -5.67 10.27 -4.56
N PHE A 124 -4.35 10.14 -4.36
CA PHE A 124 -3.57 9.09 -4.99
C PHE A 124 -2.60 8.53 -3.94
N THR A 125 -1.72 7.60 -4.37
CA THR A 125 -0.80 6.96 -3.45
C THR A 125 0.67 6.85 -3.90
N LYS A 126 1.55 6.70 -2.91
CA LYS A 126 2.95 6.35 -3.10
C LYS A 126 3.22 4.97 -2.51
N SER A 127 3.83 4.08 -3.33
CA SER A 127 4.26 2.78 -2.85
C SER A 127 5.18 2.90 -1.63
N PRO A 128 5.13 1.93 -0.68
CA PRO A 128 6.06 1.89 0.43
C PRO A 128 7.53 1.84 0.06
N VAL A 129 7.86 1.37 -1.16
CA VAL A 129 9.25 1.33 -1.62
C VAL A 129 9.85 2.71 -1.82
N THR A 130 9.01 3.75 -1.80
CA THR A 130 9.49 5.12 -1.83
C THR A 130 10.10 5.59 -0.52
N VAL A 131 9.77 4.92 0.59
CA VAL A 131 9.98 5.53 1.90
C VAL A 131 11.46 5.53 2.25
N THR A 132 11.97 6.68 2.70
CA THR A 132 13.34 6.74 3.17
C THR A 132 13.39 7.79 4.28
N GLY A 133 14.59 7.98 4.86
CA GLY A 133 14.75 8.72 6.09
C GLY A 133 15.60 9.96 5.94
N HIS A 134 15.67 10.72 7.03
CA HIS A 134 16.45 11.93 7.15
C HIS A 134 17.90 11.60 6.85
N GLY A 135 18.51 12.39 5.96
CA GLY A 135 19.90 12.23 5.57
C GLY A 135 20.15 11.19 4.47
N ASP A 136 19.12 10.44 4.05
CA ASP A 136 19.30 9.46 2.99
C ASP A 136 19.39 10.15 1.63
N ILE A 137 20.16 9.51 0.74
CA ILE A 137 20.28 9.87 -0.65
C ILE A 137 19.05 9.41 -1.42
N VAL A 138 18.43 10.33 -2.16
CA VAL A 138 17.35 10.02 -3.08
C VAL A 138 17.94 9.77 -4.45
N LYS A 139 17.60 8.63 -5.05
CA LYS A 139 18.05 8.32 -6.40
C LYS A 139 17.54 9.39 -7.38
N SER A 140 18.41 9.81 -8.32
CA SER A 140 18.06 10.84 -9.28
C SER A 140 17.20 10.28 -10.41
N HIS A 141 17.26 8.96 -10.62
CA HIS A 141 16.44 8.27 -11.61
C HIS A 141 16.65 8.88 -13.00
N GLU A 142 17.91 9.20 -13.33
CA GLU A 142 18.27 9.95 -14.53
C GLU A 142 17.90 9.20 -15.81
N GLU A 143 17.96 7.87 -15.77
CA GLU A 143 17.61 7.04 -16.91
C GLU A 143 16.10 6.85 -17.10
N VAL A 144 15.29 7.41 -16.18
CA VAL A 144 13.84 7.30 -16.25
C VAL A 144 13.15 8.66 -16.45
N THR A 145 13.74 9.73 -15.92
CA THR A 145 13.10 11.03 -15.92
C THR A 145 14.19 12.10 -15.84
N SER A 146 13.88 13.26 -16.42
CA SER A 146 14.66 14.47 -16.21
C SER A 146 13.80 15.56 -15.56
N GLN A 147 12.64 15.16 -15.02
CA GLN A 147 11.72 16.07 -14.39
C GLN A 147 11.35 15.64 -12.97
N LEU A 148 12.35 15.22 -12.19
CA LEU A 148 12.17 15.06 -10.75
C LEU A 148 11.88 16.41 -10.11
N ASP A 149 10.85 16.43 -9.27
CA ASP A 149 10.50 17.63 -8.53
C ASP A 149 10.29 17.33 -7.05
N TYR A 150 10.39 18.37 -6.22
CA TYR A 150 10.24 18.27 -4.77
C TYR A 150 8.84 18.75 -4.38
N GLU A 151 8.36 18.26 -3.23
CA GLU A 151 7.12 18.75 -2.62
C GLU A 151 7.16 18.59 -1.10
N GLY A 152 7.39 19.66 -0.35
CA GLY A 152 7.33 19.59 1.09
C GLY A 152 5.89 19.50 1.56
N GLU A 153 5.59 18.57 2.46
CA GLU A 153 4.23 18.40 2.98
C GLU A 153 4.18 18.00 4.45
N LEU A 154 3.08 18.40 5.08
CA LEU A 154 2.74 17.92 6.42
C LEU A 154 2.10 16.55 6.22
N ALA A 155 2.59 15.55 6.97
CA ALA A 155 1.96 14.24 6.96
C ALA A 155 1.31 13.95 8.31
N VAL A 156 0.13 13.33 8.25
CA VAL A 156 -0.62 12.90 9.42
C VAL A 156 -0.56 11.39 9.48
N VAL A 157 -0.26 10.87 10.67
CA VAL A 157 -0.28 9.44 10.91
C VAL A 157 -1.50 9.10 11.77
N ILE A 158 -2.30 8.17 11.27
CA ILE A 158 -3.48 7.69 12.00
C ILE A 158 -3.09 6.81 13.18
N GLY A 159 -3.75 7.05 14.32
CA GLY A 159 -3.68 6.19 15.49
C GLY A 159 -4.83 5.18 15.58
N LYS A 160 -5.99 5.62 16.08
CA LYS A 160 -7.13 4.73 16.24
C LYS A 160 -7.69 4.43 14.86
N SER A 161 -7.87 3.14 14.57
CA SER A 161 -8.58 2.68 13.39
C SER A 161 -10.05 3.10 13.40
N GLY A 162 -10.61 3.26 12.21
CA GLY A 162 -11.96 3.78 12.09
C GLY A 162 -12.42 3.84 10.64
N THR A 163 -13.73 3.68 10.45
CA THR A 163 -14.39 4.02 9.19
C THR A 163 -15.56 4.95 9.53
N ARG A 164 -16.06 5.68 8.53
CA ARG A 164 -17.16 6.62 8.71
C ARG A 164 -16.87 7.53 9.89
N ILE A 165 -15.66 8.09 9.90
CA ILE A 165 -15.25 9.04 10.92
C ILE A 165 -15.84 10.40 10.54
N SER A 166 -16.50 11.05 11.50
CA SER A 166 -17.01 12.38 11.29
C SER A 166 -15.87 13.40 11.43
N LYS A 167 -16.03 14.55 10.77
CA LYS A 167 -15.15 15.69 10.96
C LYS A 167 -14.83 16.00 12.42
N GLU A 168 -15.86 15.97 13.27
CA GLU A 168 -15.74 16.33 14.67
C GLU A 168 -14.87 15.36 15.46
N ASP A 169 -14.86 14.08 15.06
CA ASP A 169 -14.08 13.05 15.75
C ASP A 169 -12.71 12.78 15.14
N ALA A 170 -12.36 13.53 14.09
CA ALA A 170 -11.22 13.18 13.24
C ALA A 170 -9.92 13.18 14.03
N TYR A 171 -9.68 14.22 14.83
CA TYR A 171 -8.43 14.33 15.56
C TYR A 171 -8.29 13.22 16.61
N ASP A 172 -9.41 12.61 17.00
CA ASP A 172 -9.36 11.47 17.89
C ASP A 172 -8.68 10.24 17.24
N HIS A 173 -8.66 10.20 15.90
CA HIS A 173 -8.08 9.10 15.15
C HIS A 173 -6.66 9.41 14.67
N VAL A 174 -6.15 10.60 15.03
CA VAL A 174 -4.80 11.01 14.68
C VAL A 174 -3.82 10.66 15.79
N PHE A 175 -2.72 9.99 15.45
CA PHE A 175 -1.62 9.80 16.40
C PHE A 175 -0.74 11.03 16.42
N GLY A 176 -0.27 11.48 15.25
CA GLY A 176 0.75 12.51 15.20
C GLY A 176 1.09 13.02 13.80
N TYR A 177 2.16 13.80 13.74
CA TYR A 177 2.53 14.56 12.55
C TYR A 177 4.00 14.32 12.21
N THR A 178 4.30 14.17 10.92
CA THR A 178 5.68 14.18 10.46
C THR A 178 5.76 15.01 9.18
N ILE A 179 6.97 15.04 8.60
CA ILE A 179 7.21 15.71 7.33
C ILE A 179 7.37 14.63 6.27
N VAL A 180 6.87 14.93 5.07
CA VAL A 180 7.14 14.14 3.88
C VAL A 180 7.69 15.06 2.78
N ASN A 181 8.58 14.51 1.96
CA ASN A 181 8.95 15.10 0.69
C ASN A 181 8.35 14.21 -0.41
N ASP A 182 7.28 14.68 -1.06
CA ASP A 182 6.59 13.90 -2.06
C ASP A 182 7.25 14.10 -3.43
N ILE A 183 8.44 13.50 -3.58
CA ILE A 183 9.23 13.66 -4.79
C ILE A 183 8.54 12.95 -5.94
N THR A 184 8.42 13.69 -7.06
CA THR A 184 7.58 13.34 -8.20
C THR A 184 8.34 13.46 -9.52
N ALA A 185 8.16 12.48 -10.41
CA ALA A 185 8.61 12.59 -11.79
C ALA A 185 7.46 13.14 -12.62
N ARG A 186 7.55 14.42 -13.00
CA ARG A 186 6.43 15.14 -13.61
C ARG A 186 6.04 14.64 -14.99
N ASP A 187 7.02 14.20 -15.77
CA ASP A 187 6.76 13.63 -17.09
C ASP A 187 6.01 12.30 -16.95
N LEU A 188 6.43 11.45 -15.99
CA LEU A 188 5.77 10.18 -15.73
C LEU A 188 4.33 10.36 -15.23
N GLN A 189 4.08 11.41 -14.45
CA GLN A 189 2.72 11.78 -14.10
C GLN A 189 1.82 12.00 -15.30
N LYS A 190 2.32 12.77 -16.27
CA LYS A 190 1.55 13.05 -17.48
C LYS A 190 1.42 11.81 -18.36
N ARG A 191 2.52 11.07 -18.52
CA ARG A 191 2.53 9.89 -19.36
C ARG A 191 1.48 8.83 -18.99
N HIS A 192 1.32 8.56 -17.69
CA HIS A 192 0.50 7.43 -17.24
C HIS A 192 -0.85 7.88 -16.73
N LYS A 193 -1.06 9.21 -16.63
CA LYS A 193 -2.35 9.83 -16.36
C LYS A 193 -2.72 9.75 -14.87
N GLN A 194 -2.88 8.52 -14.37
CA GLN A 194 -2.93 8.32 -12.93
C GLN A 194 -1.49 8.54 -12.44
N PHE A 195 -1.38 9.12 -11.23
CA PHE A 195 -0.11 9.59 -10.69
C PHE A 195 0.79 8.52 -10.09
N PHE A 196 0.25 7.32 -9.86
CA PHE A 196 0.95 6.29 -9.11
C PHE A 196 2.39 6.07 -9.57
N ILE A 197 2.62 5.84 -10.87
CA ILE A 197 3.96 5.53 -11.34
C ILE A 197 4.96 6.67 -11.14
N GLY A 198 4.56 7.90 -11.47
CA GLY A 198 5.43 9.06 -11.29
C GLY A 198 5.66 9.45 -9.84
N LYS A 199 4.78 8.98 -8.95
CA LYS A 199 4.89 9.18 -7.51
C LYS A 199 5.61 8.05 -6.77
N SER A 200 5.85 6.92 -7.45
CA SER A 200 6.31 5.72 -6.75
C SER A 200 7.68 5.19 -7.14
N LEU A 201 8.57 6.06 -7.59
CA LEU A 201 9.94 5.68 -7.85
C LEU A 201 10.65 5.44 -6.51
N ASP A 202 11.55 4.44 -6.50
CA ASP A 202 12.33 4.09 -5.32
C ASP A 202 12.99 5.31 -4.69
N THR A 203 12.89 5.38 -3.36
CA THR A 203 13.49 6.40 -2.51
C THR A 203 12.87 7.81 -2.58
N THR A 204 11.75 7.97 -3.30
CA THR A 204 11.15 9.29 -3.47
C THR A 204 10.12 9.74 -2.44
N CYS A 205 10.11 9.12 -1.25
CA CYS A 205 9.34 9.64 -0.13
C CYS A 205 10.16 9.71 1.16
N PRO A 206 11.15 10.62 1.25
CA PRO A 206 11.72 10.95 2.55
C PRO A 206 10.60 11.26 3.54
N MET A 207 10.73 10.74 4.76
CA MET A 207 9.78 10.99 5.83
C MET A 207 10.55 11.14 7.14
N GLY A 208 10.08 12.08 7.98
CA GLY A 208 10.64 12.25 9.30
C GLY A 208 10.92 13.72 9.56
N PRO A 209 11.94 14.08 10.38
CA PRO A 209 12.86 13.12 10.98
C PRO A 209 12.28 12.34 12.16
N VAL A 210 11.16 12.86 12.68
CA VAL A 210 10.47 12.33 13.82
C VAL A 210 8.97 12.41 13.59
N LEU A 211 8.23 11.70 14.45
CA LEU A 211 6.78 11.72 14.49
C LEU A 211 6.38 12.33 15.83
N VAL A 212 5.80 13.53 15.80
CA VAL A 212 5.40 14.26 16.99
C VAL A 212 3.94 13.92 17.32
N HIS A 213 3.72 13.48 18.56
CA HIS A 213 2.40 13.06 19.01
C HIS A 213 1.48 14.27 19.02
N LYS A 214 0.20 14.08 18.70
CA LYS A 214 -0.74 15.19 18.63
C LYS A 214 -0.88 15.97 19.95
N SER A 215 -0.64 15.31 21.08
CA SER A 215 -0.69 15.98 22.37
C SER A 215 0.33 17.11 22.50
N SER A 216 1.37 17.11 21.66
CA SER A 216 2.36 18.17 21.63
C SER A 216 2.04 19.25 20.61
N ILE A 217 0.97 19.05 19.83
CA ILE A 217 0.56 19.95 18.76
C ILE A 217 -0.96 20.00 18.77
N GLN A 218 -1.52 20.82 19.66
CA GLN A 218 -2.97 20.93 19.75
C GLN A 218 -3.53 21.88 18.69
N GLU A 219 -2.65 22.65 18.01
CA GLU A 219 -3.07 23.59 16.98
C GLU A 219 -2.39 23.33 15.63
N PRO A 220 -2.73 22.21 14.95
CA PRO A 220 -2.07 21.87 13.69
C PRO A 220 -2.33 22.86 12.54
N GLU A 221 -3.42 23.63 12.63
CA GLU A 221 -3.75 24.67 11.66
C GLU A 221 -2.71 25.78 11.62
N ARG A 222 -1.98 25.98 12.72
CA ARG A 222 -0.89 26.94 12.78
C ARG A 222 0.47 26.40 12.32
N LEU A 223 0.54 25.13 11.88
CA LEU A 223 1.82 24.60 11.39
C LEU A 223 2.19 25.26 10.07
N LYS A 224 3.50 25.44 9.88
CA LYS A 224 4.05 26.04 8.68
C LYS A 224 5.05 25.12 8.01
N VAL A 225 4.92 24.94 6.69
CA VAL A 225 5.83 24.18 5.87
C VAL A 225 6.78 25.10 5.10
N GLU A 226 8.09 24.92 5.24
CA GLU A 226 9.07 25.65 4.46
C GLU A 226 9.99 24.67 3.77
N THR A 227 10.23 24.88 2.47
CA THR A 227 11.15 24.06 1.71
C THR A 227 12.28 24.93 1.17
N ARG A 228 13.53 24.50 1.40
CA ARG A 228 14.70 25.12 0.79
CA ARG A 228 14.70 25.12 0.79
C ARG A 228 15.39 24.14 -0.14
N VAL A 229 15.80 24.62 -1.31
CA VAL A 229 16.58 23.85 -2.26
C VAL A 229 17.92 24.55 -2.43
N ASN A 230 19.01 23.81 -2.20
CA ASN A 230 20.35 24.34 -2.05
C ASN A 230 20.40 25.68 -1.30
N GLY A 231 19.68 25.75 -0.17
CA GLY A 231 19.70 26.94 0.68
C GLY A 231 18.57 27.94 0.39
N GLU A 232 17.99 27.85 -0.80
CA GLU A 232 17.07 28.87 -1.27
C GLU A 232 15.63 28.51 -0.93
N LEU A 233 14.91 29.45 -0.30
CA LEU A 233 13.50 29.27 0.02
C LEU A 233 12.67 29.13 -1.26
N ARG A 234 11.96 28.00 -1.36
CA ARG A 234 11.11 27.69 -2.51
C ARG A 234 9.64 27.63 -2.12
N GLN A 235 9.35 27.05 -0.96
CA GLN A 235 7.97 26.88 -0.52
C GLN A 235 7.79 27.43 0.88
N SER A 236 6.64 28.07 1.13
CA SER A 236 6.32 28.55 2.45
C SER A 236 4.80 28.59 2.58
N GLY A 237 4.23 27.53 3.14
CA GLY A 237 2.79 27.41 3.28
C GLY A 237 2.38 27.36 4.74
N SER A 238 1.11 27.65 4.99
CA SER A 238 0.52 27.52 6.31
C SER A 238 -0.61 26.50 6.20
N ALA A 239 -0.67 25.57 7.16
CA ALA A 239 -1.67 24.51 7.14
C ALA A 239 -3.09 25.06 7.12
N SER A 240 -3.28 26.28 7.64
CA SER A 240 -4.59 26.93 7.63
C SER A 240 -5.07 27.33 6.23
N ASP A 241 -4.14 27.46 5.26
CA ASP A 241 -4.50 27.71 3.87
C ASP A 241 -4.89 26.47 3.05
N MET A 242 -4.88 25.29 3.67
CA MET A 242 -5.31 24.09 2.99
C MET A 242 -6.76 24.23 2.55
N ILE A 243 -7.06 23.76 1.34
CA ILE A 243 -8.43 23.79 0.83
C ILE A 243 -9.31 22.86 1.65
N PHE A 244 -8.84 21.62 1.84
CA PHE A 244 -9.52 20.66 2.70
C PHE A 244 -8.67 20.44 3.94
N SER A 245 -9.25 20.67 5.13
CA SER A 245 -8.55 20.50 6.38
C SER A 245 -8.31 19.02 6.67
N ILE A 246 -7.48 18.75 7.68
CA ILE A 246 -7.19 17.38 8.12
C ILE A 246 -8.48 16.68 8.53
N PRO A 247 -9.38 17.29 9.33
CA PRO A 247 -10.67 16.66 9.65
C PRO A 247 -11.52 16.32 8.44
N GLU A 248 -11.60 17.23 7.45
CA GLU A 248 -12.36 16.95 6.24
C GLU A 248 -11.77 15.82 5.39
N LEU A 249 -10.43 15.78 5.33
CA LEU A 249 -9.71 14.74 4.60
C LEU A 249 -9.97 13.37 5.24
N ILE A 250 -9.91 13.31 6.56
CA ILE A 250 -10.17 12.07 7.28
C ILE A 250 -11.61 11.61 7.09
N GLU A 251 -12.56 12.56 7.13
CA GLU A 251 -13.97 12.23 6.93
C GLU A 251 -14.20 11.69 5.53
N THR A 252 -13.71 12.41 4.51
CA THR A 252 -13.80 11.93 3.15
C THR A 252 -13.17 10.56 2.92
N LEU A 253 -11.91 10.41 3.36
CA LEU A 253 -11.18 9.17 3.10
C LEU A 253 -11.88 7.96 3.73
N SER A 254 -12.47 8.16 4.92
CA SER A 254 -13.03 7.06 5.68
C SER A 254 -14.49 6.75 5.37
N LYS A 255 -15.12 7.51 4.48
CA LYS A 255 -16.52 7.30 4.16
C LYS A 255 -16.85 5.85 3.83
N GLY A 256 -16.03 5.22 2.97
CA GLY A 256 -16.22 3.80 2.65
C GLY A 256 -14.99 2.92 2.85
N MET A 257 -14.05 3.37 3.68
CA MET A 257 -12.75 2.74 3.78
C MET A 257 -12.26 2.87 5.24
N THR A 258 -11.66 1.80 5.75
CA THR A 258 -11.14 1.79 7.10
C THR A 258 -9.76 2.40 7.07
N LEU A 259 -9.55 3.43 7.90
CA LEU A 259 -8.23 3.98 8.13
C LEU A 259 -7.66 3.21 9.33
N GLU A 260 -6.40 2.79 9.22
CA GLU A 260 -5.81 1.92 10.21
C GLU A 260 -4.61 2.59 10.85
N ALA A 261 -4.37 2.19 12.11
CA ALA A 261 -3.20 2.60 12.86
C ALA A 261 -1.97 2.57 11.97
N GLY A 262 -1.32 3.73 11.83
CA GLY A 262 -0.07 3.81 11.09
C GLY A 262 -0.18 4.16 9.61
N ASP A 263 -1.39 4.28 9.07
CA ASP A 263 -1.63 4.94 7.79
C ASP A 263 -1.16 6.39 7.84
N ILE A 264 -0.59 6.81 6.71
CA ILE A 264 0.09 8.08 6.56
C ILE A 264 -0.63 8.81 5.44
N ILE A 265 -1.05 10.03 5.76
CA ILE A 265 -1.68 10.93 4.83
C ILE A 265 -0.82 12.18 4.65
N ALA A 266 -0.30 12.34 3.44
CA ALA A 266 0.40 13.53 2.99
C ALA A 266 -0.64 14.53 2.48
N THR A 267 -0.71 15.70 3.13
CA THR A 267 -1.83 16.61 2.97
C THR A 267 -1.69 17.66 1.86
N GLY A 268 -0.64 17.54 1.04
CA GLY A 268 -0.48 18.40 -0.12
C GLY A 268 0.59 19.46 0.12
N THR A 269 1.22 19.87 -0.99
CA THR A 269 2.35 20.80 -0.96
C THR A 269 1.87 22.21 -1.29
N PRO A 270 2.45 23.27 -0.69
CA PRO A 270 2.19 24.64 -1.13
C PRO A 270 2.76 24.92 -2.53
N SER A 271 2.58 26.16 -3.00
CA SER A 271 3.23 26.59 -4.23
C SER A 271 4.73 26.69 -3.99
N GLY A 272 5.49 26.80 -5.08
CA GLY A 272 6.94 26.84 -5.03
C GLY A 272 7.63 25.59 -5.59
N VAL A 273 6.87 24.67 -6.21
CA VAL A 273 7.49 23.47 -6.76
C VAL A 273 8.27 23.88 -8.01
N GLY A 274 9.26 23.04 -8.37
CA GLY A 274 10.12 23.29 -9.51
C GLY A 274 9.38 23.54 -10.82
N LYS A 275 8.33 22.75 -11.05
CA LYS A 275 7.54 22.83 -12.27
C LYS A 275 6.86 24.20 -12.41
N GLY A 276 6.64 24.88 -11.28
CA GLY A 276 5.93 26.15 -11.25
C GLY A 276 6.68 27.37 -11.80
N PHE A 277 8.01 27.30 -11.84
CA PHE A 277 8.83 28.37 -12.38
C PHE A 277 8.85 28.35 -13.92
N THR A 278 9.02 29.53 -14.52
CA THR A 278 9.34 29.69 -15.93
C THR A 278 10.86 29.71 -15.97
N PRO A 279 11.52 29.16 -17.03
CA PRO A 279 12.20 27.88 -16.94
C PRO A 279 11.85 27.07 -15.70
N PRO A 280 11.19 25.89 -15.83
CA PRO A 280 11.03 24.98 -14.69
C PRO A 280 12.38 24.62 -14.07
N LYS A 281 12.43 24.53 -12.73
CA LYS A 281 13.62 24.10 -11.99
C LYS A 281 13.49 22.69 -11.43
N PHE A 282 13.88 21.70 -12.24
CA PHE A 282 13.88 20.30 -11.83
C PHE A 282 15.13 19.95 -11.04
N LEU A 283 15.03 18.88 -10.25
CA LEU A 283 16.13 18.41 -9.43
C LEU A 283 17.20 17.74 -10.28
N ARG A 284 18.45 17.85 -9.79
CA ARG A 284 19.62 17.28 -10.42
C ARG A 284 20.49 16.66 -9.32
N SER A 285 21.39 15.74 -9.73
CA SER A 285 22.37 15.17 -8.84
C SER A 285 23.08 16.26 -8.02
N GLY A 286 23.20 16.01 -6.70
CA GLY A 286 23.83 16.97 -5.81
C GLY A 286 22.91 17.97 -5.12
N ASP A 287 21.68 18.13 -5.63
CA ASP A 287 20.73 19.07 -5.03
C ASP A 287 20.38 18.61 -3.62
N LYS A 288 20.28 19.58 -2.71
CA LYS A 288 19.95 19.35 -1.32
C LYS A 288 18.59 19.97 -1.02
N ILE A 289 17.71 19.20 -0.39
CA ILE A 289 16.38 19.66 -0.06
C ILE A 289 16.19 19.56 1.44
N ASP A 290 15.81 20.68 2.07
CA ASP A 290 15.53 20.76 3.50
C ASP A 290 14.11 21.26 3.69
N ILE A 291 13.28 20.44 4.34
CA ILE A 291 11.90 20.81 4.61
C ILE A 291 11.73 20.97 6.11
N THR A 292 11.23 22.13 6.55
CA THR A 292 11.12 22.46 7.95
C THR A 292 9.64 22.64 8.29
N ILE A 293 9.19 21.92 9.33
CA ILE A 293 7.94 22.20 9.99
C ILE A 293 8.22 22.20 11.49
N ASP A 294 8.19 23.37 12.12
CA ASP A 294 8.34 23.39 13.58
C ASP A 294 7.01 22.99 14.21
N PRO A 295 6.97 22.14 15.27
CA PRO A 295 8.16 21.64 15.95
C PRO A 295 8.63 20.24 15.57
N ILE A 296 8.26 19.77 14.38
CA ILE A 296 8.73 18.46 13.94
C ILE A 296 10.23 18.46 13.69
N GLY A 297 10.76 19.58 13.17
CA GLY A 297 12.17 19.75 12.87
C GLY A 297 12.41 19.90 11.36
N THR A 298 13.54 19.37 10.89
CA THR A 298 13.96 19.51 9.51
C THR A 298 14.25 18.16 8.88
N LEU A 299 13.67 17.92 7.70
CA LEU A 299 13.93 16.72 6.92
C LEU A 299 14.84 17.11 5.74
N SER A 300 16.01 16.46 5.66
CA SER A 300 17.07 16.84 4.74
C SER A 300 17.49 15.63 3.90
N ASN A 301 17.54 15.82 2.58
CA ASN A 301 17.98 14.78 1.68
C ASN A 301 18.74 15.40 0.51
N GLN A 302 19.65 14.61 -0.05
CA GLN A 302 20.40 14.99 -1.23
C GLN A 302 20.06 14.00 -2.35
N ILE A 303 19.93 14.53 -3.55
CA ILE A 303 19.75 13.76 -4.77
C ILE A 303 21.08 13.13 -5.13
N GLY A 304 21.05 11.83 -5.42
CA GLY A 304 22.27 11.05 -5.58
C GLY A 304 22.97 11.29 -6.89
N LEU A 305 24.24 10.82 -6.96
CA LEU A 305 25.10 10.99 -8.12
C LEU A 305 24.69 10.00 -9.21
N MET B 4 -0.08 -27.05 -9.19
CA MET B 4 0.25 -26.42 -7.90
C MET B 4 -0.68 -25.21 -7.69
N LYS B 5 -1.77 -25.45 -6.94
CA LYS B 5 -2.72 -24.42 -6.56
C LYS B 5 -2.64 -24.12 -5.07
N PHE B 6 -2.14 -22.94 -4.73
CA PHE B 6 -1.98 -22.55 -3.34
C PHE B 6 -3.18 -21.75 -2.87
N ALA B 7 -3.46 -21.86 -1.58
CA ALA B 7 -4.60 -21.20 -0.98
C ALA B 7 -4.26 -20.80 0.45
N THR B 8 -5.03 -19.83 0.95
CA THR B 8 -5.07 -19.53 2.36
C THR B 8 -6.44 -20.02 2.85
N GLY B 9 -6.41 -21.09 3.66
CA GLY B 9 -7.62 -21.63 4.26
C GLY B 9 -7.76 -21.24 5.72
N GLU B 10 -8.93 -21.56 6.27
CA GLU B 10 -9.17 -21.43 7.68
C GLU B 10 -9.96 -22.64 8.14
N LEU B 11 -9.52 -23.19 9.26
CA LEU B 11 -10.13 -24.34 9.91
C LEU B 11 -9.86 -24.22 11.42
N TYR B 12 -10.90 -24.41 12.25
CA TYR B 12 -10.77 -24.33 13.70
C TYR B 12 -10.11 -23.01 14.10
N ASN B 13 -10.53 -21.93 13.42
CA ASN B 13 -10.14 -20.57 13.71
C ASN B 13 -8.65 -20.28 13.50
N ARG B 14 -7.98 -21.15 12.74
CA ARG B 14 -6.60 -20.95 12.35
C ARG B 14 -6.52 -20.78 10.84
N MET B 15 -5.85 -19.71 10.38
CA MET B 15 -5.52 -19.53 8.97
C MET B 15 -4.23 -20.27 8.64
N PHE B 16 -4.19 -20.89 7.46
CA PHE B 16 -3.06 -21.71 7.10
C PHE B 16 -2.84 -21.69 5.60
N VAL B 17 -1.57 -21.88 5.22
CA VAL B 17 -1.18 -21.99 3.84
C VAL B 17 -1.45 -23.43 3.38
N GLY B 18 -2.17 -23.54 2.26
CA GLY B 18 -2.62 -24.85 1.81
C GLY B 18 -2.29 -25.07 0.35
N LEU B 19 -2.30 -26.36 -0.04
CA LEU B 19 -2.16 -26.81 -1.41
C LEU B 19 -3.39 -27.62 -1.77
N ILE B 20 -4.07 -27.24 -2.86
CA ILE B 20 -5.22 -28.00 -3.35
C ILE B 20 -4.74 -29.33 -3.94
N ILE B 21 -5.38 -30.44 -3.53
CA ILE B 21 -5.08 -31.76 -4.04
C ILE B 21 -6.32 -32.30 -4.74
N ASP B 22 -6.20 -32.58 -6.04
CA ASP B 22 -7.27 -33.14 -6.87
C ASP B 22 -8.59 -32.37 -6.82
N ASP B 23 -8.47 -31.04 -6.65
CA ASP B 23 -9.61 -30.12 -6.58
C ASP B 23 -10.76 -30.49 -5.64
N GLU B 24 -10.49 -31.34 -4.64
CA GLU B 24 -11.48 -31.72 -3.64
C GLU B 24 -10.97 -31.61 -2.20
N LYS B 25 -9.64 -31.64 -2.04
CA LYS B 25 -8.99 -31.68 -0.75
C LYS B 25 -7.97 -30.56 -0.70
N ILE B 26 -7.60 -30.14 0.51
CA ILE B 26 -6.56 -29.15 0.70
C ILE B 26 -5.63 -29.67 1.78
N MET B 27 -4.32 -29.58 1.50
CA MET B 27 -3.29 -30.01 2.41
C MET B 27 -2.76 -28.81 3.19
N ASP B 28 -2.81 -28.94 4.52
CA ASP B 28 -2.20 -27.97 5.40
C ASP B 28 -0.69 -28.20 5.41
N LEU B 29 0.05 -27.32 4.75
CA LEU B 29 1.46 -27.55 4.48
C LEU B 29 2.32 -27.60 5.74
N GLN B 30 2.06 -26.72 6.71
CA GLN B 30 2.82 -26.76 7.97
C GLN B 30 2.59 -28.07 8.71
N LYS B 31 1.33 -28.51 8.83
CA LYS B 31 1.04 -29.74 9.53
C LYS B 31 1.53 -30.95 8.75
N ALA B 32 1.50 -30.90 7.42
CA ALA B 32 2.03 -31.99 6.62
C ALA B 32 3.55 -32.12 6.80
N GLU B 33 4.25 -30.99 6.82
CA GLU B 33 5.69 -31.03 7.00
C GLU B 33 6.05 -31.64 8.35
N LYS B 34 5.36 -31.20 9.41
CA LYS B 34 5.54 -31.72 10.74
C LYS B 34 5.32 -33.22 10.82
N LYS B 35 4.30 -33.75 10.14
CA LYS B 35 3.99 -35.17 10.20
C LYS B 35 4.94 -36.02 9.37
N LEU B 36 5.33 -35.54 8.18
CA LEU B 36 6.31 -36.22 7.35
C LEU B 36 7.76 -36.13 7.81
N PHE B 37 8.19 -34.92 8.23
CA PHE B 37 9.61 -34.66 8.44
C PHE B 37 9.95 -34.37 9.89
N GLU B 38 8.92 -34.17 10.73
CA GLU B 38 9.09 -33.70 12.09
C GLU B 38 10.00 -32.47 12.11
N LEU B 39 9.81 -31.59 11.11
CA LEU B 39 10.43 -30.28 11.06
C LEU B 39 9.32 -29.25 10.88
N GLU B 40 9.64 -28.00 11.27
CA GLU B 40 8.77 -26.85 11.12
C GLU B 40 9.55 -25.70 10.50
N THR B 41 9.46 -25.58 9.16
CA THR B 41 10.12 -24.50 8.45
C THR B 41 9.20 -23.69 7.54
N ILE B 42 8.01 -24.21 7.23
CA ILE B 42 7.10 -23.48 6.36
C ILE B 42 6.48 -22.30 7.13
N PRO B 43 6.61 -21.05 6.61
CA PRO B 43 6.00 -19.87 7.24
C PRO B 43 4.47 -19.94 7.25
N GLY B 44 3.87 -19.09 8.11
CA GLY B 44 2.43 -19.13 8.37
C GLY B 44 1.55 -18.31 7.42
N SER B 45 2.18 -17.62 6.44
CA SER B 45 1.42 -16.93 5.42
C SER B 45 2.00 -17.19 4.02
N LEU B 46 1.11 -17.14 3.03
CA LEU B 46 1.48 -17.42 1.66
C LEU B 46 2.47 -16.39 1.11
N ILE B 47 2.34 -15.14 1.54
CA ILE B 47 3.25 -14.12 1.07
C ILE B 47 4.69 -14.39 1.54
N GLU B 48 4.84 -14.92 2.77
CA GLU B 48 6.13 -15.34 3.27
C GLU B 48 6.65 -16.57 2.51
N CYS B 49 5.76 -17.49 2.13
CA CYS B 49 6.15 -18.64 1.34
C CYS B 49 6.66 -18.23 -0.04
N ILE B 50 5.94 -17.28 -0.68
CA ILE B 50 6.31 -16.75 -1.97
C ILE B 50 7.70 -16.11 -1.93
N ALA B 51 8.02 -15.40 -0.84
CA ALA B 51 9.31 -14.73 -0.69
C ALA B 51 10.48 -15.71 -0.58
N GLU B 52 10.21 -16.96 -0.18
CA GLU B 52 11.22 -18.00 -0.15
C GLU B 52 11.62 -18.54 -1.52
N GLY B 53 10.80 -18.32 -2.55
CA GLY B 53 11.19 -18.68 -3.90
C GLY B 53 11.04 -20.17 -4.19
N ASP B 54 11.88 -20.68 -5.10
CA ASP B 54 11.69 -22.00 -5.69
C ASP B 54 11.75 -23.15 -4.69
N LYS B 55 12.52 -22.95 -3.62
CA LYS B 55 12.62 -23.83 -2.46
C LYS B 55 11.26 -24.26 -1.93
N PHE B 56 10.37 -23.27 -1.78
CA PHE B 56 9.06 -23.50 -1.21
C PHE B 56 8.21 -24.39 -2.14
N VAL B 57 8.25 -24.08 -3.42
CA VAL B 57 7.45 -24.79 -4.41
C VAL B 57 7.92 -26.25 -4.52
N ALA B 58 9.24 -26.46 -4.47
CA ALA B 58 9.77 -27.83 -4.53
C ALA B 58 9.42 -28.60 -3.26
N HIS B 59 9.45 -27.91 -2.11
CA HIS B 59 9.06 -28.52 -0.85
C HIS B 59 7.57 -28.91 -0.90
N ALA B 60 6.72 -28.01 -1.40
CA ALA B 60 5.29 -28.29 -1.50
C ALA B 60 5.03 -29.49 -2.41
N ARG B 61 5.70 -29.54 -3.56
CA ARG B 61 5.63 -30.68 -4.46
C ARG B 61 5.97 -31.99 -3.76
N GLN B 62 7.09 -31.99 -3.02
CA GLN B 62 7.53 -33.17 -2.29
C GLN B 62 6.48 -33.63 -1.27
N LEU B 63 5.88 -32.67 -0.53
CA LEU B 63 4.91 -33.00 0.49
C LEU B 63 3.66 -33.62 -0.10
N ALA B 64 3.23 -33.10 -1.25
CA ALA B 64 2.07 -33.63 -1.95
C ALA B 64 2.32 -35.06 -2.43
N GLU B 65 3.53 -35.33 -2.93
CA GLU B 65 3.87 -36.68 -3.36
C GLU B 65 3.86 -37.65 -2.17
N TRP B 66 4.47 -37.25 -1.05
CA TRP B 66 4.47 -38.08 0.13
C TRP B 66 3.07 -38.35 0.68
N ALA B 67 2.19 -37.34 0.58
CA ALA B 67 0.83 -37.45 1.09
C ALA B 67 -0.04 -38.48 0.36
N LYS B 68 0.40 -38.95 -0.82
CA LYS B 68 -0.25 -40.06 -1.51
C LYS B 68 0.00 -41.44 -0.88
N LYS B 69 1.10 -41.57 -0.11
CA LYS B 69 1.44 -42.81 0.55
C LYS B 69 0.47 -43.07 1.70
N PRO B 70 0.09 -44.35 1.97
CA PRO B 70 -1.03 -44.66 2.88
C PRO B 70 -1.16 -43.82 4.14
N ASN B 71 -0.19 -43.90 5.05
CA ASN B 71 -0.14 -43.05 6.24
C ASN B 71 -1.39 -43.08 7.12
N ASP B 72 -1.19 -43.11 8.44
CA ASP B 72 -2.26 -43.36 9.38
C ASP B 72 -3.18 -42.16 9.63
N GLU B 73 -2.57 -40.97 9.72
CA GLU B 73 -3.25 -39.79 10.23
C GLU B 73 -3.28 -38.68 9.16
N LEU B 74 -3.66 -39.09 7.94
CA LEU B 74 -3.96 -38.18 6.85
C LEU B 74 -4.82 -36.99 7.27
N GLY B 75 -5.86 -37.27 8.08
CA GLY B 75 -6.83 -36.28 8.51
C GLY B 75 -6.31 -35.16 9.40
N SER B 76 -5.11 -35.33 9.96
CA SER B 76 -4.47 -34.25 10.70
C SER B 76 -3.89 -33.14 9.82
N PHE B 77 -3.73 -33.38 8.51
CA PHE B 77 -3.21 -32.37 7.61
C PHE B 77 -3.83 -32.29 6.21
N MET B 78 -4.82 -33.15 5.93
CA MET B 78 -5.46 -33.23 4.63
C MET B 78 -6.96 -33.10 4.90
N TYR B 79 -7.57 -32.03 4.38
CA TYR B 79 -8.93 -31.69 4.73
C TYR B 79 -9.76 -31.66 3.44
N SER B 80 -11.05 -31.96 3.54
CA SER B 80 -11.94 -31.76 2.41
C SER B 80 -12.22 -30.27 2.26
N LEU B 81 -12.19 -29.77 1.02
CA LEU B 81 -12.38 -28.36 0.72
C LEU B 81 -13.70 -27.81 1.28
N SER B 82 -14.73 -28.67 1.31
CA SER B 82 -16.03 -28.26 1.80
C SER B 82 -16.03 -27.91 3.29
N GLU B 83 -15.06 -28.43 4.05
CA GLU B 83 -14.94 -28.14 5.47
C GLU B 83 -14.15 -26.86 5.78
N VAL B 84 -13.46 -26.30 4.77
CA VAL B 84 -12.54 -25.21 4.99
C VAL B 84 -13.11 -23.92 4.41
N LYS B 85 -12.92 -22.80 5.11
CA LYS B 85 -13.17 -21.50 4.50
C LYS B 85 -11.94 -21.00 3.75
N LEU B 86 -12.09 -20.67 2.45
CA LEU B 86 -11.03 -20.06 1.68
C LEU B 86 -11.02 -18.53 1.78
N HIS B 87 -9.85 -17.98 2.12
CA HIS B 87 -9.63 -16.53 2.11
C HIS B 87 -9.02 -16.16 0.76
N ALA B 88 -8.76 -14.87 0.57
CA ALA B 88 -7.92 -14.48 -0.54
C ALA B 88 -6.59 -15.22 -0.35
N PRO B 89 -5.93 -15.68 -1.44
CA PRO B 89 -4.64 -16.36 -1.30
C PRO B 89 -3.63 -15.54 -0.52
N ILE B 90 -3.65 -14.22 -0.76
CA ILE B 90 -2.90 -13.25 0.02
C ILE B 90 -3.89 -12.33 0.72
N PRO B 91 -4.31 -12.65 1.97
CA PRO B 91 -5.37 -11.90 2.63
C PRO B 91 -4.95 -10.47 2.97
N LYS B 92 -3.65 -10.27 3.18
CA LYS B 92 -3.12 -8.97 3.55
C LYS B 92 -1.88 -8.72 2.69
N PRO B 93 -2.05 -8.16 1.48
CA PRO B 93 -0.88 -7.74 0.69
C PRO B 93 -0.07 -6.73 1.51
N SER B 94 1.23 -6.66 1.23
CA SER B 94 2.13 -5.74 1.90
C SER B 94 2.11 -4.32 1.32
N LYS B 95 1.46 -4.17 0.17
CA LYS B 95 1.23 -2.85 -0.40
C LYS B 95 -0.05 -2.92 -1.21
N ASN B 96 -0.49 -1.76 -1.70
CA ASN B 96 -1.69 -1.71 -2.52
C ASN B 96 -1.55 -2.59 -3.75
N ILE B 97 -2.67 -3.20 -4.16
CA ILE B 97 -2.75 -3.90 -5.42
C ILE B 97 -2.53 -2.93 -6.57
N ILE B 98 -1.63 -3.29 -7.48
CA ILE B 98 -1.35 -2.49 -8.66
C ILE B 98 -2.32 -2.87 -9.77
N CYS B 99 -3.07 -1.87 -10.24
CA CYS B 99 -4.14 -2.07 -11.21
C CYS B 99 -3.83 -1.34 -12.51
N ILE B 100 -4.06 -2.03 -13.63
CA ILE B 100 -3.97 -1.45 -14.96
C ILE B 100 -5.37 -1.07 -15.41
N GLY B 101 -5.51 0.17 -15.90
CA GLY B 101 -6.72 0.62 -16.56
C GLY B 101 -6.63 0.51 -18.07
N LYS B 102 -7.78 0.25 -18.72
CA LYS B 102 -7.89 0.29 -20.18
C LYS B 102 -6.80 -0.52 -20.87
N ASN B 103 -6.78 -1.83 -20.61
CA ASN B 103 -5.79 -2.71 -21.22
C ASN B 103 -6.44 -3.67 -22.22
N TYR B 104 -7.75 -3.50 -22.45
CA TYR B 104 -8.46 -4.16 -23.54
C TYR B 104 -9.16 -3.08 -24.37
N ARG B 105 -8.95 -3.10 -25.69
CA ARG B 105 -9.54 -2.15 -26.63
C ARG B 105 -11.00 -1.80 -26.35
N ASP B 106 -11.85 -2.83 -26.31
CA ASP B 106 -13.29 -2.64 -26.27
C ASP B 106 -13.79 -2.15 -24.91
N HIS B 107 -13.00 -2.36 -23.84
CA HIS B 107 -13.31 -1.78 -22.54
C HIS B 107 -13.11 -0.26 -22.59
N ALA B 108 -11.97 0.17 -23.13
CA ALA B 108 -11.64 1.58 -23.31
C ALA B 108 -12.69 2.32 -24.15
N ILE B 109 -13.17 1.66 -25.22
CA ILE B 109 -14.18 2.20 -26.13
C ILE B 109 -15.53 2.37 -25.43
N GLU B 110 -16.00 1.34 -24.72
CA GLU B 110 -17.28 1.38 -24.03
C GLU B 110 -17.32 2.41 -22.88
N MET B 111 -16.14 2.85 -22.40
CA MET B 111 -16.04 3.83 -21.33
C MET B 111 -15.90 5.25 -21.88
N GLY B 112 -15.88 5.40 -23.22
CA GLY B 112 -15.72 6.69 -23.87
C GLY B 112 -14.27 6.95 -24.30
N SER B 113 -14.02 6.98 -25.61
CA SER B 113 -12.68 7.09 -26.15
C SER B 113 -12.40 8.47 -26.75
N ILE B 117 -7.42 4.66 -26.68
CA ILE B 117 -6.43 3.60 -26.52
C ILE B 117 -5.11 4.21 -26.05
N PRO B 118 -4.58 3.80 -24.88
CA PRO B 118 -3.27 4.29 -24.43
C PRO B 118 -2.08 3.73 -25.22
N GLU B 119 -1.04 4.56 -25.36
CA GLU B 119 0.28 4.13 -25.81
C GLU B 119 1.17 3.86 -24.60
N HIS B 120 0.75 4.36 -23.42
CA HIS B 120 1.38 4.02 -22.16
C HIS B 120 0.35 3.51 -21.17
N PRO B 121 0.67 2.50 -20.35
CA PRO B 121 -0.28 1.98 -19.35
C PRO B 121 -0.71 3.02 -18.32
N MET B 122 -2.00 2.99 -17.99
CA MET B 122 -2.55 3.79 -16.92
C MET B 122 -2.57 2.88 -15.68
N VAL B 123 -1.82 3.28 -14.64
CA VAL B 123 -1.61 2.46 -13.47
C VAL B 123 -2.08 3.19 -12.23
N PHE B 124 -2.95 2.52 -11.44
CA PHE B 124 -3.41 3.03 -10.16
C PHE B 124 -3.41 1.86 -9.17
N THR B 125 -3.93 2.11 -7.96
CA THR B 125 -3.93 1.11 -6.90
C THR B 125 -5.24 0.95 -6.13
N LYS B 126 -5.38 -0.22 -5.52
CA LYS B 126 -6.41 -0.53 -4.54
C LYS B 126 -5.74 -0.81 -3.20
N SER B 127 -6.23 -0.13 -2.16
CA SER B 127 -5.79 -0.37 -0.80
C SER B 127 -5.96 -1.83 -0.41
N PRO B 128 -5.06 -2.37 0.46
CA PRO B 128 -5.21 -3.72 1.01
C PRO B 128 -6.52 -4.00 1.73
N VAL B 129 -7.17 -2.94 2.26
CA VAL B 129 -8.43 -3.07 2.98
C VAL B 129 -9.58 -3.51 2.06
N THR B 130 -9.35 -3.47 0.74
CA THR B 130 -10.30 -4.00 -0.22
C THR B 130 -10.33 -5.51 -0.28
N VAL B 131 -9.24 -6.18 0.13
CA VAL B 131 -9.06 -7.57 -0.25
C VAL B 131 -10.03 -8.47 0.52
N THR B 132 -10.72 -9.35 -0.20
CA THR B 132 -11.60 -10.32 0.42
C THR B 132 -11.52 -11.59 -0.42
N GLY B 133 -12.19 -12.66 0.07
CA GLY B 133 -12.00 -13.98 -0.50
C GLY B 133 -13.25 -14.52 -1.20
N HIS B 134 -13.09 -15.70 -1.80
CA HIS B 134 -14.15 -16.44 -2.44
C HIS B 134 -15.27 -16.66 -1.43
N GLY B 135 -16.50 -16.32 -1.87
CA GLY B 135 -17.70 -16.51 -1.08
C GLY B 135 -18.00 -15.41 -0.08
N ASP B 136 -17.11 -14.43 0.04
CA ASP B 136 -17.32 -13.35 1.00
C ASP B 136 -18.31 -12.34 0.41
N ILE B 137 -19.02 -11.66 1.31
CA ILE B 137 -19.91 -10.57 0.97
C ILE B 137 -19.12 -9.30 0.68
N VAL B 138 -19.40 -8.67 -0.46
CA VAL B 138 -18.93 -7.33 -0.76
C VAL B 138 -19.96 -6.31 -0.28
N LYS B 139 -19.53 -5.38 0.57
CA LYS B 139 -20.40 -4.31 1.03
C LYS B 139 -20.94 -3.52 -0.16
N SER B 140 -22.24 -3.17 -0.11
CA SER B 140 -22.86 -2.42 -1.18
C SER B 140 -22.50 -0.93 -1.12
N HIS B 141 -22.11 -0.45 0.07
CA HIS B 141 -21.66 0.92 0.28
C HIS B 141 -22.73 1.92 -0.17
N GLU B 142 -24.01 1.62 0.12
CA GLU B 142 -25.14 2.35 -0.45
C GLU B 142 -25.19 3.81 -0.01
N GLU B 143 -24.69 4.11 1.20
CA GLU B 143 -24.61 5.48 1.70
C GLU B 143 -23.45 6.29 1.11
N VAL B 144 -22.62 5.66 0.26
CA VAL B 144 -21.49 6.31 -0.36
C VAL B 144 -21.63 6.42 -1.87
N THR B 145 -22.23 5.40 -2.50
CA THR B 145 -22.28 5.30 -3.94
C THR B 145 -23.52 4.49 -4.33
N SER B 146 -24.05 4.78 -5.52
CA SER B 146 -25.06 3.96 -6.17
C SER B 146 -24.54 3.46 -7.52
N GLN B 147 -23.23 3.58 -7.73
CA GLN B 147 -22.60 3.17 -8.98
C GLN B 147 -21.45 2.20 -8.76
N LEU B 148 -21.65 1.24 -7.86
CA LEU B 148 -20.76 0.08 -7.78
C LEU B 148 -20.82 -0.74 -9.06
N ASP B 149 -19.65 -1.07 -9.59
CA ASP B 149 -19.55 -1.87 -10.80
C ASP B 149 -18.52 -2.99 -10.62
N TYR B 150 -18.63 -4.02 -11.47
CA TYR B 150 -17.78 -5.20 -11.43
C TYR B 150 -16.73 -5.14 -12.53
N GLU B 151 -15.61 -5.83 -12.32
CA GLU B 151 -14.56 -5.96 -13.30
C GLU B 151 -13.78 -7.25 -13.06
N GLY B 152 -14.01 -8.25 -13.91
CA GLY B 152 -13.26 -9.50 -13.81
C GLY B 152 -11.88 -9.30 -14.42
N GLU B 153 -10.82 -9.73 -13.72
CA GLU B 153 -9.46 -9.57 -14.21
C GLU B 153 -8.53 -10.70 -13.82
N LEU B 154 -7.52 -10.93 -14.67
CA LEU B 154 -6.42 -11.81 -14.34
C LEU B 154 -5.45 -11.01 -13.46
N ALA B 155 -5.05 -11.60 -12.33
CA ALA B 155 -4.01 -11.01 -11.51
C ALA B 155 -2.73 -11.84 -11.53
N VAL B 156 -1.59 -11.15 -11.59
CA VAL B 156 -0.28 -11.74 -11.55
C VAL B 156 0.35 -11.40 -10.19
N VAL B 157 0.94 -12.42 -9.56
CA VAL B 157 1.66 -12.24 -8.32
C VAL B 157 3.15 -12.41 -8.59
N ILE B 158 3.92 -11.42 -8.18
CA ILE B 158 5.37 -11.44 -8.29
C ILE B 158 5.97 -12.42 -7.29
N GLY B 159 6.91 -13.23 -7.76
CA GLY B 159 7.54 -14.26 -6.94
C GLY B 159 8.97 -13.97 -6.53
N LYS B 160 9.62 -13.07 -7.25
CA LYS B 160 11.02 -12.74 -7.01
C LYS B 160 11.22 -11.25 -7.29
N SER B 161 11.81 -10.56 -6.31
CA SER B 161 11.95 -9.13 -6.31
C SER B 161 12.91 -8.68 -7.42
N GLY B 162 12.67 -7.47 -7.96
CA GLY B 162 13.51 -6.95 -9.01
C GLY B 162 13.15 -5.52 -9.38
N THR B 163 14.13 -4.79 -9.91
CA THR B 163 13.91 -3.52 -10.56
C THR B 163 14.59 -3.58 -11.93
N ARG B 164 14.17 -2.70 -12.85
CA ARG B 164 14.70 -2.68 -14.21
C ARG B 164 14.67 -4.08 -14.80
N ILE B 165 13.51 -4.73 -14.67
CA ILE B 165 13.30 -6.05 -15.24
C ILE B 165 13.00 -5.88 -16.73
N SER B 166 13.74 -6.61 -17.56
CA SER B 166 13.51 -6.61 -18.99
C SER B 166 12.29 -7.46 -19.33
N LYS B 167 11.63 -7.12 -20.44
CA LYS B 167 10.57 -7.92 -21.02
C LYS B 167 10.87 -9.42 -21.06
N GLU B 168 12.11 -9.75 -21.47
CA GLU B 168 12.55 -11.12 -21.66
C GLU B 168 12.62 -11.91 -20.36
N ASP B 169 12.95 -11.22 -19.26
CA ASP B 169 13.09 -11.85 -17.95
C ASP B 169 11.84 -11.79 -17.07
N ALA B 170 10.75 -11.22 -17.59
CA ALA B 170 9.60 -10.88 -16.77
C ALA B 170 9.00 -12.09 -16.09
N TYR B 171 8.79 -13.18 -16.86
CA TYR B 171 8.16 -14.37 -16.31
C TYR B 171 9.02 -15.05 -15.24
N ASP B 172 10.32 -14.76 -15.26
CA ASP B 172 11.20 -15.25 -14.21
C ASP B 172 10.89 -14.62 -12.84
N HIS B 173 10.21 -13.46 -12.83
CA HIS B 173 9.87 -12.76 -11.60
C HIS B 173 8.41 -13.04 -11.19
N VAL B 174 7.72 -13.88 -11.95
CA VAL B 174 6.32 -14.19 -11.69
C VAL B 174 6.22 -15.48 -10.88
N PHE B 175 5.45 -15.43 -9.78
CA PHE B 175 5.11 -16.62 -9.02
C PHE B 175 3.94 -17.36 -9.66
N GLY B 176 2.86 -16.63 -9.90
CA GLY B 176 1.60 -17.26 -10.28
C GLY B 176 0.46 -16.31 -10.62
N TYR B 177 -0.73 -16.90 -10.78
CA TYR B 177 -1.90 -16.22 -11.31
C TYR B 177 -3.11 -16.45 -10.41
N THR B 178 -3.91 -15.41 -10.22
CA THR B 178 -5.19 -15.58 -9.54
C THR B 178 -6.21 -14.68 -10.26
N ILE B 179 -7.44 -14.66 -9.73
CA ILE B 179 -8.50 -13.83 -10.25
C ILE B 179 -8.70 -12.68 -9.26
N VAL B 180 -9.00 -11.50 -9.80
CA VAL B 180 -9.53 -10.41 -9.01
C VAL B 180 -10.84 -9.90 -9.60
N ASN B 181 -11.71 -9.40 -8.71
CA ASN B 181 -12.84 -8.59 -9.08
C ASN B 181 -12.54 -7.15 -8.63
N ASP B 182 -12.21 -6.29 -9.59
CA ASP B 182 -11.84 -4.91 -9.29
C ASP B 182 -13.09 -4.05 -9.18
N ILE B 183 -13.85 -4.25 -8.09
CA ILE B 183 -15.11 -3.56 -7.89
C ILE B 183 -14.82 -2.09 -7.64
N THR B 184 -15.58 -1.25 -8.37
CA THR B 184 -15.31 0.18 -8.51
C THR B 184 -16.59 0.98 -8.29
N ALA B 185 -16.48 2.08 -7.53
CA ALA B 185 -17.54 3.08 -7.44
C ALA B 185 -17.29 4.13 -8.52
N ARG B 186 -18.07 4.08 -9.61
CA ARG B 186 -17.83 4.90 -10.80
C ARG B 186 -18.01 6.39 -10.58
N ASP B 187 -18.97 6.78 -9.74
CA ASP B 187 -19.18 8.19 -9.42
C ASP B 187 -18.00 8.74 -8.63
N LEU B 188 -17.48 7.96 -7.67
CA LEU B 188 -16.33 8.34 -6.87
C LEU B 188 -15.08 8.48 -7.73
N GLN B 189 -14.91 7.62 -8.74
CA GLN B 189 -13.86 7.79 -9.73
C GLN B 189 -13.89 9.15 -10.40
N LYS B 190 -15.07 9.59 -10.85
CA LYS B 190 -15.22 10.88 -11.50
C LYS B 190 -15.00 12.01 -10.52
N ARG B 191 -15.62 11.90 -9.33
CA ARG B 191 -15.55 12.96 -8.34
C ARG B 191 -14.11 13.32 -7.94
N HIS B 192 -13.24 12.32 -7.73
CA HIS B 192 -11.94 12.55 -7.12
C HIS B 192 -10.82 12.55 -8.16
N LYS B 193 -11.16 12.19 -9.41
CA LYS B 193 -10.28 12.31 -10.56
C LYS B 193 -9.24 11.19 -10.60
N GLN B 194 -8.37 11.13 -9.59
CA GLN B 194 -7.53 9.96 -9.39
C GLN B 194 -8.47 8.87 -8.87
N PHE B 195 -8.17 7.62 -9.28
CA PHE B 195 -9.04 6.48 -9.05
C PHE B 195 -9.01 5.86 -7.66
N PHE B 196 -8.00 6.22 -6.85
CA PHE B 196 -7.79 5.59 -5.57
C PHE B 196 -9.03 5.44 -4.70
N ILE B 197 -9.76 6.53 -4.44
CA ILE B 197 -10.92 6.48 -3.56
C ILE B 197 -12.03 5.54 -4.06
N GLY B 198 -12.37 5.67 -5.35
CA GLY B 198 -13.39 4.86 -5.99
C GLY B 198 -13.03 3.38 -6.10
N LYS B 199 -11.71 3.11 -6.07
CA LYS B 199 -11.17 1.76 -6.15
C LYS B 199 -10.89 1.11 -4.80
N SER B 200 -10.94 1.88 -3.72
CA SER B 200 -10.47 1.40 -2.43
C SER B 200 -11.49 1.33 -1.31
N LEU B 201 -12.77 1.13 -1.67
CA LEU B 201 -13.78 0.92 -0.65
C LEU B 201 -13.57 -0.47 -0.04
N ASP B 202 -13.80 -0.58 1.27
CA ASP B 202 -13.69 -1.85 1.99
C ASP B 202 -14.42 -2.98 1.27
N THR B 203 -13.73 -4.14 1.21
CA THR B 203 -14.22 -5.38 0.62
C THR B 203 -14.35 -5.43 -0.90
N THR B 204 -13.92 -4.39 -1.63
CA THR B 204 -14.10 -4.34 -3.07
C THR B 204 -13.00 -4.92 -3.94
N CYS B 205 -12.17 -5.81 -3.37
CA CYS B 205 -11.26 -6.60 -4.18
C CYS B 205 -11.32 -8.08 -3.79
N PRO B 206 -12.40 -8.79 -4.11
CA PRO B 206 -12.35 -10.26 -4.08
C PRO B 206 -11.14 -10.75 -4.85
N MET B 207 -10.45 -11.76 -4.29
CA MET B 207 -9.30 -12.37 -4.92
C MET B 207 -9.30 -13.89 -4.65
N GLY B 208 -8.91 -14.66 -5.66
CA GLY B 208 -8.79 -16.09 -5.50
C GLY B 208 -9.48 -16.83 -6.64
N PRO B 209 -10.05 -18.03 -6.40
CA PRO B 209 -10.07 -18.67 -5.08
C PRO B 209 -8.72 -19.26 -4.64
N VAL B 210 -7.84 -19.44 -5.64
CA VAL B 210 -6.51 -19.98 -5.43
C VAL B 210 -5.49 -19.18 -6.22
N LEU B 211 -4.20 -19.43 -5.93
CA LEU B 211 -3.08 -18.88 -6.66
C LEU B 211 -2.38 -20.04 -7.36
N VAL B 212 -2.50 -20.10 -8.69
CA VAL B 212 -1.90 -21.16 -9.50
C VAL B 212 -0.45 -20.78 -9.85
N HIS B 213 0.49 -21.67 -9.49
CA HIS B 213 1.89 -21.43 -9.76
C HIS B 213 2.09 -21.43 -11.27
N LYS B 214 3.02 -20.58 -11.74
CA LYS B 214 3.26 -20.43 -13.17
C LYS B 214 3.61 -21.73 -13.88
N SER B 215 4.22 -22.70 -13.18
CA SER B 215 4.56 -23.98 -13.80
C SER B 215 3.35 -24.74 -14.33
N SER B 216 2.14 -24.40 -13.83
CA SER B 216 0.91 -25.01 -14.32
C SER B 216 0.23 -24.17 -15.41
N ILE B 217 0.81 -23.01 -15.72
CA ILE B 217 0.30 -22.10 -16.73
C ILE B 217 1.49 -21.47 -17.46
N GLN B 218 2.09 -22.20 -18.40
CA GLN B 218 3.20 -21.63 -19.16
C GLN B 218 2.73 -20.73 -20.29
N GLU B 219 1.41 -20.71 -20.53
CA GLU B 219 0.78 -20.04 -21.65
C GLU B 219 -0.26 -19.00 -21.23
N PRO B 220 0.10 -17.94 -20.48
CA PRO B 220 -0.90 -17.02 -19.92
C PRO B 220 -1.69 -16.23 -20.97
N GLU B 221 -1.11 -16.06 -22.18
CA GLU B 221 -1.79 -15.39 -23.29
C GLU B 221 -3.03 -16.15 -23.78
N ARG B 222 -3.10 -17.45 -23.52
CA ARG B 222 -4.29 -18.23 -23.81
C ARG B 222 -5.37 -18.22 -22.74
N LEU B 223 -5.15 -17.49 -21.62
CA LEU B 223 -6.15 -17.47 -20.57
C LEU B 223 -7.36 -16.66 -21.00
N LYS B 224 -8.52 -17.06 -20.48
CA LYS B 224 -9.77 -16.40 -20.78
C LYS B 224 -10.51 -16.00 -19.51
N VAL B 225 -11.04 -14.77 -19.50
CA VAL B 225 -11.84 -14.25 -18.41
C VAL B 225 -13.32 -14.27 -18.80
N GLU B 226 -14.17 -14.87 -17.97
CA GLU B 226 -15.61 -14.74 -18.14
C GLU B 226 -16.23 -14.23 -16.85
N THR B 227 -17.10 -13.22 -16.96
CA THR B 227 -17.83 -12.70 -15.82
C THR B 227 -19.33 -12.89 -16.00
N ARG B 228 -20.00 -13.48 -15.00
CA ARG B 228 -21.44 -13.59 -14.96
C ARG B 228 -22.01 -12.79 -13.79
N VAL B 229 -23.12 -12.10 -14.05
CA VAL B 229 -23.84 -11.40 -13.00
C VAL B 229 -25.25 -12.00 -12.94
N ASN B 230 -25.65 -12.44 -11.74
CA ASN B 230 -26.83 -13.25 -11.54
C ASN B 230 -27.06 -14.29 -12.64
N GLY B 231 -25.99 -15.01 -13.02
CA GLY B 231 -26.08 -16.07 -14.02
C GLY B 231 -25.77 -15.62 -15.44
N GLU B 232 -25.91 -14.31 -15.70
CA GLU B 232 -25.87 -13.80 -17.06
C GLU B 232 -24.46 -13.43 -17.46
N LEU B 233 -24.02 -13.91 -18.63
CA LEU B 233 -22.71 -13.56 -19.17
C LEU B 233 -22.64 -12.06 -19.48
N ARG B 234 -21.66 -11.38 -18.88
CA ARG B 234 -21.42 -9.96 -19.08
C ARG B 234 -20.09 -9.69 -19.76
N GLN B 235 -19.04 -10.43 -19.36
CA GLN B 235 -17.71 -10.20 -19.87
C GLN B 235 -17.09 -11.48 -20.38
N SER B 236 -16.24 -11.33 -21.38
CA SER B 236 -15.62 -12.44 -22.06
C SER B 236 -14.40 -11.88 -22.77
N GLY B 237 -13.24 -12.01 -22.13
CA GLY B 237 -11.99 -11.53 -22.68
C GLY B 237 -10.99 -12.65 -22.89
N SER B 238 -10.02 -12.40 -23.76
CA SER B 238 -8.88 -13.26 -23.93
C SER B 238 -7.63 -12.44 -23.61
N ALA B 239 -6.73 -13.03 -22.81
CA ALA B 239 -5.54 -12.35 -22.36
C ALA B 239 -4.66 -11.93 -23.54
N SER B 240 -4.79 -12.62 -24.68
CA SER B 240 -4.04 -12.25 -25.88
C SER B 240 -4.46 -10.91 -26.50
N ASP B 241 -5.68 -10.44 -26.19
CA ASP B 241 -6.15 -9.14 -26.64
C ASP B 241 -5.72 -7.96 -25.76
N MET B 242 -4.96 -8.24 -24.69
CA MET B 242 -4.45 -7.16 -23.85
C MET B 242 -3.57 -6.24 -24.70
N ILE B 243 -3.73 -4.91 -24.49
CA ILE B 243 -2.93 -3.92 -25.19
C ILE B 243 -1.47 -4.05 -24.79
N PHE B 244 -1.23 -4.09 -23.46
CA PHE B 244 0.11 -4.34 -22.93
C PHE B 244 0.14 -5.73 -22.29
N SER B 245 1.09 -6.57 -22.72
CA SER B 245 1.24 -7.90 -22.18
C SER B 245 1.79 -7.87 -20.76
N ILE B 246 1.71 -9.03 -20.07
CA ILE B 246 2.27 -9.20 -18.74
C ILE B 246 3.74 -8.80 -18.71
N PRO B 247 4.58 -9.32 -19.63
CA PRO B 247 5.99 -8.92 -19.65
C PRO B 247 6.23 -7.41 -19.83
N GLU B 248 5.46 -6.76 -20.71
CA GLU B 248 5.58 -5.33 -20.91
C GLU B 248 5.19 -4.51 -19.68
N LEU B 249 4.13 -4.96 -18.99
CA LEU B 249 3.65 -4.34 -17.77
C LEU B 249 4.72 -4.43 -16.68
N ILE B 250 5.33 -5.61 -16.53
CA ILE B 250 6.38 -5.78 -15.55
C ILE B 250 7.60 -4.90 -15.85
N GLU B 251 7.96 -4.82 -17.14
CA GLU B 251 9.07 -3.99 -17.56
C GLU B 251 8.81 -2.50 -17.27
N THR B 252 7.64 -2.02 -17.70
CA THR B 252 7.24 -0.65 -17.41
C THR B 252 7.20 -0.34 -15.92
N LEU B 253 6.52 -1.17 -15.14
CA LEU B 253 6.33 -0.90 -13.72
C LEU B 253 7.67 -0.83 -12.98
N SER B 254 8.63 -1.66 -13.38
CA SER B 254 9.88 -1.80 -12.66
C SER B 254 10.98 -0.86 -13.13
N LYS B 255 10.72 -0.04 -14.16
CA LYS B 255 11.74 0.86 -14.68
C LYS B 255 12.40 1.69 -13.59
N GLY B 256 11.62 2.27 -12.68
CA GLY B 256 12.17 3.05 -11.57
C GLY B 256 11.77 2.61 -10.16
N MET B 257 11.23 1.40 -10.07
CA MET B 257 10.54 0.94 -8.88
C MET B 257 10.83 -0.54 -8.69
N THR B 258 11.07 -0.93 -7.44
CA THR B 258 11.32 -2.32 -7.11
C THR B 258 9.97 -3.01 -6.98
N LEU B 259 9.78 -4.10 -7.74
CA LEU B 259 8.66 -4.99 -7.52
C LEU B 259 9.13 -6.03 -6.51
N GLU B 260 8.29 -6.32 -5.51
CA GLU B 260 8.69 -7.25 -4.46
C GLU B 260 7.85 -8.51 -4.50
N ALA B 261 8.47 -9.61 -4.05
CA ALA B 261 7.79 -10.87 -3.83
C ALA B 261 6.43 -10.62 -3.18
N GLY B 262 5.37 -11.07 -3.85
CA GLY B 262 4.04 -10.98 -3.28
C GLY B 262 3.19 -9.79 -3.72
N ASP B 263 3.81 -8.85 -4.47
CA ASP B 263 3.06 -7.81 -5.17
C ASP B 263 2.10 -8.40 -6.19
N ILE B 264 0.92 -7.78 -6.28
CA ILE B 264 -0.20 -8.26 -7.08
C ILE B 264 -0.48 -7.19 -8.13
N ILE B 265 -0.51 -7.62 -9.39
CA ILE B 265 -0.86 -6.78 -10.53
C ILE B 265 -2.14 -7.30 -11.19
N ALA B 266 -3.20 -6.52 -11.08
CA ALA B 266 -4.45 -6.74 -11.79
C ALA B 266 -4.36 -6.13 -13.19
N THR B 267 -4.49 -6.96 -14.23
CA THR B 267 -4.07 -6.61 -15.58
C THR B 267 -5.15 -5.98 -16.47
N GLY B 268 -6.31 -5.67 -15.90
CA GLY B 268 -7.34 -4.94 -16.62
C GLY B 268 -8.51 -5.85 -17.00
N THR B 269 -9.69 -5.25 -17.09
CA THR B 269 -10.93 -5.96 -17.34
C THR B 269 -11.32 -5.82 -18.82
N PRO B 270 -11.93 -6.87 -19.44
CA PRO B 270 -12.50 -6.71 -20.79
C PRO B 270 -13.75 -5.83 -20.79
N SER B 271 -14.36 -5.68 -21.96
CA SER B 271 -15.63 -4.98 -22.06
C SER B 271 -16.71 -5.83 -21.40
N GLY B 272 -17.85 -5.19 -21.10
CA GLY B 272 -18.98 -5.85 -20.48
C GLY B 272 -19.32 -5.31 -19.10
N VAL B 273 -18.65 -4.22 -18.68
CA VAL B 273 -18.88 -3.68 -17.35
C VAL B 273 -20.24 -3.01 -17.33
N GLY B 274 -20.83 -2.87 -16.14
CA GLY B 274 -22.13 -2.27 -15.95
C GLY B 274 -22.27 -0.87 -16.55
N LYS B 275 -21.22 -0.06 -16.41
CA LYS B 275 -21.18 1.30 -16.92
C LYS B 275 -21.27 1.32 -18.45
N GLY B 276 -20.90 0.21 -19.09
CA GLY B 276 -20.86 0.13 -20.56
C GLY B 276 -22.22 0.02 -21.25
N PHE B 277 -23.24 -0.42 -20.52
CA PHE B 277 -24.59 -0.51 -21.05
C PHE B 277 -25.28 0.86 -21.00
N THR B 278 -26.17 1.10 -21.98
CA THR B 278 -27.12 2.20 -21.96
C THR B 278 -28.35 1.60 -21.29
N PRO B 279 -29.16 2.36 -20.53
CA PRO B 279 -29.15 2.28 -19.07
C PRO B 279 -27.94 1.54 -18.50
N PRO B 280 -27.01 2.21 -17.78
CA PRO B 280 -25.98 1.51 -17.03
C PRO B 280 -26.57 0.52 -16.03
N LYS B 281 -25.95 -0.67 -15.91
CA LYS B 281 -26.35 -1.68 -14.94
C LYS B 281 -25.41 -1.79 -13.73
N PHE B 282 -25.70 -1.00 -12.69
CA PHE B 282 -24.89 -0.99 -11.49
C PHE B 282 -25.32 -2.09 -10.51
N LEU B 283 -24.42 -2.46 -9.61
CA LEU B 283 -24.65 -3.53 -8.66
C LEU B 283 -25.60 -3.09 -7.55
N ARG B 284 -26.37 -4.04 -7.03
CA ARG B 284 -27.36 -3.82 -5.97
C ARG B 284 -27.30 -4.97 -4.97
N SER B 285 -27.79 -4.74 -3.75
CA SER B 285 -27.83 -5.78 -2.72
C SER B 285 -28.42 -7.07 -3.27
N GLY B 286 -27.74 -8.20 -2.99
CA GLY B 286 -28.15 -9.51 -3.46
C GLY B 286 -27.56 -9.97 -4.78
N ASP B 287 -26.94 -9.07 -5.54
CA ASP B 287 -26.34 -9.45 -6.83
C ASP B 287 -25.20 -10.42 -6.59
N LYS B 288 -25.06 -11.40 -7.50
CA LYS B 288 -24.04 -12.42 -7.42
C LYS B 288 -23.11 -12.27 -8.62
N ILE B 289 -21.80 -12.25 -8.36
CA ILE B 289 -20.83 -12.12 -9.43
C ILE B 289 -19.92 -13.34 -9.40
N ASP B 290 -19.80 -14.02 -10.55
CA ASP B 290 -18.94 -15.18 -10.71
C ASP B 290 -17.96 -14.89 -11.83
N ILE B 291 -16.66 -14.94 -11.52
CA ILE B 291 -15.63 -14.71 -12.52
C ILE B 291 -14.85 -16.01 -12.69
N THR B 292 -14.72 -16.46 -13.94
CA THR B 292 -14.08 -17.73 -14.23
C THR B 292 -12.86 -17.50 -15.10
N ILE B 293 -11.72 -18.04 -14.65
CA ILE B 293 -10.54 -18.17 -15.47
C ILE B 293 -10.03 -19.59 -15.22
N ASP B 294 -10.16 -20.45 -16.23
CA ASP B 294 -9.56 -21.77 -16.14
C ASP B 294 -8.06 -21.62 -16.39
N PRO B 295 -7.17 -22.30 -15.63
CA PRO B 295 -7.54 -23.29 -14.62
C PRO B 295 -7.55 -22.81 -13.16
N ILE B 296 -7.67 -21.50 -12.95
CA ILE B 296 -7.70 -20.99 -11.59
C ILE B 296 -8.99 -21.37 -10.89
N GLY B 297 -10.10 -21.43 -11.64
CA GLY B 297 -11.41 -21.77 -11.10
C GLY B 297 -12.38 -20.59 -11.20
N THR B 298 -13.27 -20.49 -10.22
CA THR B 298 -14.33 -19.49 -10.20
C THR B 298 -14.27 -18.70 -8.90
N LEU B 299 -14.28 -17.37 -9.03
CA LEU B 299 -14.37 -16.47 -7.89
C LEU B 299 -15.79 -15.91 -7.81
N SER B 300 -16.46 -16.13 -6.67
CA SER B 300 -17.88 -15.85 -6.51
C SER B 300 -18.08 -14.98 -5.28
N ASN B 301 -18.81 -13.87 -5.47
CA ASN B 301 -19.14 -12.99 -4.35
C ASN B 301 -20.55 -12.46 -4.54
N GLN B 302 -21.16 -12.08 -3.42
CA GLN B 302 -22.49 -11.50 -3.38
C GLN B 302 -22.41 -10.13 -2.74
N ILE B 303 -23.20 -9.20 -3.28
CA ILE B 303 -23.30 -7.85 -2.75
C ILE B 303 -24.15 -7.90 -1.50
N GLY B 304 -23.67 -7.26 -0.44
CA GLY B 304 -24.31 -7.34 0.85
C GLY B 304 -25.56 -6.48 0.98
N LEU B 305 -26.24 -6.67 2.12
CA LEU B 305 -27.41 -5.91 2.51
C LEU B 305 -27.06 -4.47 2.88
N GLU B 306 -28.01 -3.57 2.64
CA GLU B 306 -27.88 -2.17 3.00
C GLU B 306 -27.79 -1.99 4.57
#